data_9J2C
#
_entry.id   9J2C
#
_cell.length_a   38.436
_cell.length_b   121.322
_cell.length_c   134.191
_cell.angle_alpha   90.00
_cell.angle_beta   90.00
_cell.angle_gamma   90.00
#
_symmetry.space_group_name_H-M   'P 21 21 21'
#
loop_
_entity.id
_entity.type
_entity.pdbx_description
1 polymer SzPolF
2 non-polymer 'FE (II) ION'
3 non-polymer ISOLEUCINE
4 water water
#
_entity_poly.entity_id   1
_entity_poly.type   'polypeptide(L)'
_entity_poly.pdbx_seq_one_letter_code
;MSAPDTRTPLSPLPAVARAELDARTEREIDRARLRRADNGFFRSARDVESVSPADGHAVAVWWRQMTKAFMFTTLAGLGA
LARDYARRDADRELLGAFQTVYQVIGDDLDNAAPEFSAVAPTGPAGIHYVWWDDTIVAPLAAHVTEADRRAAEELPAPVR
ELLAAMDRLAAEPLGSAVQLRVVETIALDIAVGFRRVYGKVLAGGEPVFGEKDQFAWIDAHIKAETVHAAQVSDDETGMT
GLVTDAERGEEFVRLVEEYAGLWSAALECFGDRLTGAEAAVPAPAPATA
;
_entity_poly.pdbx_strand_id   A,B
#
loop_
_chem_comp.id
_chem_comp.type
_chem_comp.name
_chem_comp.formula
FE2 non-polymer 'FE (II) ION' 'Fe 2'
#
# COMPACT_ATOMS: atom_id res chain seq x y z
N PRO A 9 -14.80 -13.40 -12.67
CA PRO A 9 -15.50 -14.21 -11.68
C PRO A 9 -14.71 -14.44 -10.39
N LEU A 10 -14.38 -13.38 -9.67
CA LEU A 10 -13.85 -13.47 -8.30
C LEU A 10 -14.71 -12.59 -7.41
N SER A 11 -15.37 -13.19 -6.44
CA SER A 11 -16.42 -12.51 -5.68
C SER A 11 -16.30 -12.87 -4.22
N PRO A 12 -16.80 -12.02 -3.32
CA PRO A 12 -16.85 -12.39 -1.90
C PRO A 12 -17.89 -13.48 -1.69
N LEU A 13 -17.80 -14.15 -0.54
CA LEU A 13 -18.85 -15.09 -0.18
C LEU A 13 -20.16 -14.35 0.03
N PRO A 14 -21.30 -15.06 -0.08
CA PRO A 14 -22.59 -14.43 0.22
C PRO A 14 -22.61 -13.87 1.64
N ALA A 15 -23.44 -12.84 1.82
CA ALA A 15 -23.46 -12.10 3.09
C ALA A 15 -23.78 -13.01 4.28
N VAL A 16 -24.59 -14.06 4.07
CA VAL A 16 -24.90 -14.98 5.16
C VAL A 16 -23.65 -15.73 5.61
N ALA A 17 -22.85 -16.21 4.66
CA ALA A 17 -21.64 -16.93 5.03
C ALA A 17 -20.58 -16.02 5.61
N ARG A 18 -20.51 -14.76 5.16
CA ARG A 18 -19.55 -13.82 5.75
C ARG A 18 -19.96 -13.46 7.17
N ALA A 19 -21.26 -13.32 7.42
CA ALA A 19 -21.72 -13.05 8.78
C ALA A 19 -21.31 -14.17 9.73
N GLU A 20 -21.37 -15.42 9.23
CA GLU A 20 -20.93 -16.57 10.02
C GLU A 20 -19.42 -16.54 10.28
N LEU A 21 -18.63 -16.21 9.25
CA LEU A 21 -17.19 -16.05 9.45
C LEU A 21 -16.89 -14.97 10.48
N ASP A 22 -17.64 -13.87 10.45
CA ASP A 22 -17.44 -12.81 11.44
C ASP A 22 -17.69 -13.31 12.85
N ALA A 23 -18.74 -14.12 13.04
CA ALA A 23 -19.06 -14.64 14.37
C ALA A 23 -17.99 -15.60 14.85
N ARG A 24 -17.49 -16.47 13.98
CA ARG A 24 -16.39 -17.34 14.35
C ARG A 24 -15.14 -16.53 14.70
N THR A 25 -14.93 -15.42 13.99
CA THR A 25 -13.77 -14.56 14.26
C THR A 25 -13.88 -13.87 15.62
N GLU A 26 -15.05 -13.29 15.92
CA GLU A 26 -15.26 -12.70 17.23
C GLU A 26 -15.07 -13.74 18.34
N ARG A 27 -15.51 -14.97 18.11
CA ARG A 27 -15.32 -16.03 19.10
C ARG A 27 -13.84 -16.36 19.30
N GLU A 28 -13.04 -16.33 18.23
CA GLU A 28 -11.62 -16.58 18.41
C GLU A 28 -10.96 -15.48 19.20
N ILE A 29 -11.41 -14.23 19.01
CA ILE A 29 -10.85 -13.14 19.79
C ILE A 29 -11.25 -13.28 21.25
N ASP A 30 -12.50 -13.69 21.51
CA ASP A 30 -12.92 -13.99 22.88
C ASP A 30 -12.07 -15.09 23.50
N ARG A 31 -11.91 -16.22 22.78
CA ARG A 31 -11.13 -17.35 23.33
C ARG A 31 -9.67 -16.97 23.58
N ALA A 32 -9.11 -16.06 22.77
CA ALA A 32 -7.73 -15.64 22.95
C ALA A 32 -7.55 -14.73 24.17
N ARG A 33 -8.66 -14.35 24.82
CA ARG A 33 -8.68 -13.50 26.02
C ARG A 33 -7.97 -12.17 25.75
N LEU A 34 -8.41 -11.53 24.65
CA LEU A 34 -7.99 -10.21 24.21
C LEU A 34 -8.95 -9.10 24.61
N ARG A 35 -10.10 -9.41 25.17
CA ARG A 35 -11.05 -8.35 25.49
C ARG A 35 -10.55 -7.47 26.64
N ARG A 36 -11.20 -6.31 26.78
CA ARG A 36 -10.77 -5.30 27.76
C ARG A 36 -10.62 -5.86 29.17
N ALA A 37 -11.58 -6.69 29.60
CA ALA A 37 -11.56 -7.19 30.96
C ALA A 37 -10.68 -8.42 31.12
N ASP A 38 -10.22 -9.00 30.00
CA ASP A 38 -9.51 -10.28 30.08
C ASP A 38 -7.99 -10.16 30.10
N ASN A 39 -7.41 -9.26 29.31
CA ASN A 39 -5.97 -9.35 29.11
C ASN A 39 -5.19 -8.61 30.20
N GLY A 40 -4.13 -9.28 30.67
CA GLY A 40 -3.32 -8.74 31.75
C GLY A 40 -2.68 -7.40 31.46
N PHE A 41 -2.43 -7.08 30.17
CA PHE A 41 -1.88 -5.76 29.90
C PHE A 41 -2.85 -4.67 30.34
N PHE A 42 -4.11 -4.77 29.92
CA PHE A 42 -5.06 -3.70 30.25
C PHE A 42 -5.28 -3.64 31.76
N ARG A 43 -5.32 -4.80 32.41
CA ARG A 43 -5.52 -4.85 33.86
C ARG A 43 -4.36 -4.19 34.58
N SER A 44 -3.14 -4.56 34.23
CA SER A 44 -1.97 -4.02 34.90
C SER A 44 -1.87 -2.52 34.66
N ALA A 45 -2.17 -2.09 33.43
CA ALA A 45 -2.07 -0.66 33.13
C ALA A 45 -3.02 0.14 34.00
N ARG A 46 -4.17 -0.44 34.31
CA ARG A 46 -5.16 0.25 35.19
C ARG A 46 -4.75 0.14 36.66
N ASP A 47 -4.22 -0.99 37.09
CA ASP A 47 -4.01 -1.25 38.54
C ASP A 47 -2.68 -0.71 39.10
N VAL A 48 -1.59 -0.75 38.33
CA VAL A 48 -0.27 -0.38 38.91
C VAL A 48 -0.30 1.05 39.46
N GLU A 49 0.36 1.25 40.61
CA GLU A 49 0.46 2.59 41.17
C GLU A 49 1.50 3.42 40.45
N SER A 50 2.61 2.80 40.07
CA SER A 50 3.66 3.52 39.38
C SER A 50 4.38 2.56 38.45
N VAL A 51 5.11 3.14 37.50
CA VAL A 51 5.89 2.39 36.52
C VAL A 51 7.31 2.93 36.54
N SER A 52 8.29 2.05 36.63
CA SER A 52 9.66 2.54 36.59
C SER A 52 10.08 2.95 35.17
N PRO A 53 11.03 3.87 35.02
CA PRO A 53 11.54 4.16 33.67
C PRO A 53 12.02 2.93 32.94
N ALA A 54 12.75 2.04 33.62
CA ALA A 54 13.27 0.87 32.93
C ALA A 54 12.15 -0.02 32.44
N ASP A 55 11.12 -0.22 33.26
CA ASP A 55 10.00 -1.06 32.81
C ASP A 55 9.21 -0.38 31.69
N GLY A 56 8.92 0.92 31.83
CA GLY A 56 8.25 1.64 30.74
C GLY A 56 9.07 1.66 29.46
N HIS A 57 10.38 1.85 29.58
CA HIS A 57 11.25 1.86 28.41
C HIS A 57 11.27 0.51 27.70
N ALA A 58 11.39 -0.58 28.46
CA ALA A 58 11.41 -1.89 27.82
C ALA A 58 10.13 -2.15 27.04
N VAL A 59 8.97 -1.89 27.65
CA VAL A 59 7.71 -2.08 26.95
C VAL A 59 7.66 -1.21 25.70
N ALA A 60 8.19 0.01 25.78
CA ALA A 60 8.13 0.91 24.62
C ALA A 60 9.05 0.45 23.49
N VAL A 61 10.20 -0.13 23.82
CA VAL A 61 11.09 -0.67 22.78
C VAL A 61 10.43 -1.89 22.11
N TRP A 62 9.86 -2.78 22.93
CA TRP A 62 9.15 -3.93 22.35
C TRP A 62 8.02 -3.44 21.45
N TRP A 63 7.26 -2.46 21.92
CA TRP A 63 6.15 -1.94 21.11
C TRP A 63 6.65 -1.37 19.79
N ARG A 64 7.75 -0.62 19.83
CA ARG A 64 8.30 -0.03 18.61
C ARG A 64 8.55 -1.11 17.56
N GLN A 65 9.15 -2.22 17.99
CA GLN A 65 9.46 -3.30 17.05
C GLN A 65 8.19 -3.99 16.60
N MET A 66 7.21 -4.14 17.50
CA MET A 66 5.96 -4.79 17.11
C MET A 66 5.16 -3.95 16.12
N THR A 67 5.08 -2.64 16.36
CA THR A 67 4.25 -1.85 15.45
C THR A 67 4.96 -1.62 14.12
N LYS A 68 6.29 -1.52 14.12
CA LYS A 68 7.05 -1.48 12.87
C LYS A 68 6.78 -2.72 12.02
N ALA A 69 6.84 -3.90 12.63
CA ALA A 69 6.57 -5.13 11.88
C ALA A 69 5.11 -5.20 11.44
N PHE A 70 4.18 -4.79 12.31
CA PHE A 70 2.77 -4.77 11.93
C PHE A 70 2.57 -3.98 10.64
N MET A 71 3.12 -2.77 10.59
CA MET A 71 2.89 -1.92 9.42
C MET A 71 3.48 -2.55 8.16
N PHE A 72 4.76 -2.88 8.20
CA PHE A 72 5.44 -3.40 7.00
C PHE A 72 4.89 -4.76 6.57
N THR A 73 4.60 -5.67 7.51
CA THR A 73 4.10 -6.98 7.08
C THR A 73 2.64 -6.92 6.62
N THR A 74 1.83 -6.00 7.16
CA THR A 74 0.48 -5.84 6.62
C THR A 74 0.54 -5.29 5.19
N LEU A 75 1.40 -4.30 4.95
CA LEU A 75 1.57 -3.80 3.58
C LEU A 75 2.14 -4.90 2.68
N ALA A 76 3.06 -5.72 3.20
CA ALA A 76 3.55 -6.84 2.39
C ALA A 76 2.42 -7.81 2.06
N GLY A 77 1.55 -8.10 3.04
CA GLY A 77 0.41 -8.96 2.78
C GLY A 77 -0.53 -8.39 1.75
N LEU A 78 -0.79 -7.08 1.81
CA LEU A 78 -1.57 -6.43 0.76
C LEU A 78 -0.91 -6.61 -0.61
N GLY A 79 0.42 -6.56 -0.65
CA GLY A 79 1.10 -6.77 -1.93
C GLY A 79 0.96 -8.20 -2.42
N ALA A 80 0.94 -9.18 -1.50
CA ALA A 80 0.70 -10.56 -1.91
C ALA A 80 -0.69 -10.71 -2.53
N LEU A 81 -1.70 -10.08 -1.95
CA LEU A 81 -3.02 -10.08 -2.56
C LEU A 81 -3.02 -9.37 -3.91
N ALA A 82 -2.28 -8.25 -4.02
CA ALA A 82 -2.19 -7.51 -5.28
C ALA A 82 -1.62 -8.37 -6.39
N ARG A 83 -0.61 -9.19 -6.07
CA ARG A 83 -0.08 -10.16 -7.06
C ARG A 83 -1.18 -10.99 -7.68
N ASP A 84 -2.14 -11.42 -6.86
CA ASP A 84 -3.21 -12.28 -7.37
C ASP A 84 -4.21 -11.49 -8.19
N TYR A 85 -4.59 -10.30 -7.70
CA TYR A 85 -5.56 -9.46 -8.40
C TYR A 85 -5.05 -8.95 -9.74
N ALA A 86 -3.73 -8.87 -9.93
CA ALA A 86 -3.19 -8.40 -11.21
C ALA A 86 -3.66 -9.29 -12.37
N ARG A 87 -3.92 -10.56 -12.10
CA ARG A 87 -4.25 -11.54 -13.14
C ARG A 87 -5.62 -12.16 -12.97
N ARG A 88 -6.43 -11.71 -12.02
CA ARG A 88 -7.79 -12.20 -11.87
C ARG A 88 -8.72 -11.00 -12.04
N ASP A 89 -10.02 -11.27 -12.21
CA ASP A 89 -11.03 -10.21 -12.34
C ASP A 89 -11.79 -10.10 -11.03
N ALA A 90 -11.25 -9.37 -10.07
CA ALA A 90 -11.96 -9.17 -8.82
C ALA A 90 -13.16 -8.26 -9.06
N ASP A 91 -14.32 -8.61 -8.51
CA ASP A 91 -15.47 -7.74 -8.70
C ASP A 91 -15.37 -6.50 -7.80
N ARG A 92 -16.31 -5.57 -7.99
CA ARG A 92 -16.16 -4.27 -7.34
C ARG A 92 -16.29 -4.35 -5.83
N GLU A 93 -17.01 -5.35 -5.32
CA GLU A 93 -17.11 -5.49 -3.87
C GLU A 93 -15.77 -5.93 -3.27
N LEU A 94 -15.06 -6.84 -3.94
CA LEU A 94 -13.70 -7.18 -3.52
C LEU A 94 -12.78 -5.96 -3.62
N LEU A 95 -12.85 -5.26 -4.75
CA LEU A 95 -12.01 -4.08 -4.94
C LEU A 95 -12.22 -3.06 -3.82
N GLY A 96 -13.46 -2.88 -3.36
CA GLY A 96 -13.71 -1.93 -2.30
C GLY A 96 -13.06 -2.32 -0.98
N ALA A 97 -13.08 -3.62 -0.68
CA ALA A 97 -12.42 -4.08 0.54
C ALA A 97 -10.91 -3.96 0.41
N PHE A 98 -10.39 -4.18 -0.81
CA PHE A 98 -8.97 -3.97 -1.07
C PHE A 98 -8.58 -2.51 -0.84
N GLN A 99 -9.38 -1.58 -1.37
CA GLN A 99 -9.13 -0.16 -1.12
C GLN A 99 -9.09 0.16 0.37
N THR A 100 -10.01 -0.42 1.15
CA THR A 100 -10.03 -0.17 2.58
C THR A 100 -8.72 -0.57 3.28
N VAL A 101 -8.19 -1.75 2.95
CA VAL A 101 -6.90 -2.16 3.52
C VAL A 101 -5.84 -1.11 3.21
N TYR A 102 -5.77 -0.67 1.96
CA TYR A 102 -4.80 0.34 1.57
C TYR A 102 -4.97 1.62 2.39
N GLN A 103 -6.22 2.04 2.60
CA GLN A 103 -6.49 3.28 3.32
C GLN A 103 -6.08 3.15 4.79
N VAL A 104 -6.37 2.00 5.39
CA VAL A 104 -6.06 1.80 6.80
C VAL A 104 -4.55 1.75 7.04
N ILE A 105 -3.80 1.05 6.17
CA ILE A 105 -2.33 1.09 6.24
C ILE A 105 -1.82 2.52 6.19
N GLY A 106 -2.50 3.37 5.44
CA GLY A 106 -2.08 4.74 5.28
C GLY A 106 -2.08 5.54 6.58
N ASP A 107 -2.88 5.14 7.56
CA ASP A 107 -2.79 5.82 8.86
C ASP A 107 -1.38 5.68 9.42
N ASP A 108 -0.86 4.45 9.43
CA ASP A 108 0.44 4.22 10.06
C ASP A 108 1.60 4.69 9.20
N LEU A 109 1.46 4.60 7.88
CA LEU A 109 2.57 4.95 7.00
C LEU A 109 2.59 6.43 6.65
N ASP A 110 1.42 7.07 6.64
CA ASP A 110 1.31 8.39 6.01
C ASP A 110 0.33 9.29 6.75
N ASN A 111 -0.14 8.91 7.94
CA ASN A 111 -1.07 9.71 8.75
C ASN A 111 -2.28 10.17 7.93
N ALA A 112 -2.91 9.20 7.26
CA ALA A 112 -4.00 9.49 6.33
C ALA A 112 -5.21 10.08 7.04
N ALA A 113 -5.68 9.42 8.10
CA ALA A 113 -6.88 9.89 8.78
C ALA A 113 -6.64 11.29 9.33
N PRO A 114 -7.63 12.19 9.28
CA PRO A 114 -7.39 13.56 9.73
C PRO A 114 -7.03 13.67 11.20
N GLU A 115 -7.52 12.76 12.06
CA GLU A 115 -7.12 12.79 13.47
C GLU A 115 -5.61 12.66 13.62
N PHE A 116 -4.96 11.92 12.71
CA PHE A 116 -3.51 11.76 12.80
C PHE A 116 -2.79 12.93 12.16
N SER A 117 -3.20 13.32 10.94
CA SER A 117 -2.45 14.37 10.28
C SER A 117 -2.56 15.73 11.00
N ALA A 118 -3.55 15.91 11.89
CA ALA A 118 -3.66 17.16 12.65
C ALA A 118 -2.56 17.33 13.70
N VAL A 119 -1.90 16.26 14.13
CA VAL A 119 -0.88 16.38 15.16
C VAL A 119 0.44 15.75 14.78
N ALA A 120 0.47 14.81 13.83
CA ALA A 120 1.68 14.05 13.57
C ALA A 120 2.72 14.89 12.86
N PRO A 121 4.01 14.62 13.11
CA PRO A 121 5.07 15.19 12.27
C PRO A 121 4.84 14.84 10.81
N THR A 122 5.31 15.71 9.91
CA THR A 122 5.15 15.39 8.50
C THR A 122 6.31 14.51 8.03
N GLY A 123 6.13 13.90 6.87
CA GLY A 123 7.16 13.07 6.29
C GLY A 123 7.43 11.81 7.11
N PRO A 124 8.64 11.26 6.99
CA PRO A 124 8.94 9.97 7.64
C PRO A 124 8.95 10.04 9.15
N ALA A 125 9.18 11.22 9.74
CA ALA A 125 9.09 11.37 11.19
C ALA A 125 7.69 11.06 11.71
N GLY A 126 6.68 11.10 10.85
CA GLY A 126 5.32 10.79 11.25
C GLY A 126 4.92 9.34 11.13
N ILE A 127 5.73 8.49 10.49
CA ILE A 127 5.42 7.06 10.45
C ILE A 127 5.25 6.57 11.89
N HIS A 128 4.25 5.74 12.14
CA HIS A 128 3.87 5.57 13.55
C HIS A 128 4.96 4.93 14.39
N TYR A 129 5.73 3.96 13.86
CA TYR A 129 6.78 3.43 14.75
C TYR A 129 7.89 4.44 14.99
N VAL A 130 8.13 5.33 14.02
CA VAL A 130 9.17 6.35 14.17
C VAL A 130 8.70 7.43 15.14
N TRP A 131 7.45 7.85 15.00
CA TRP A 131 6.89 8.87 15.87
C TRP A 131 6.84 8.37 17.31
N TRP A 132 6.52 7.07 17.48
CA TRP A 132 6.58 6.46 18.81
C TRP A 132 8.00 6.47 19.36
N ASP A 133 8.97 6.08 18.53
CA ASP A 133 10.37 6.08 18.95
C ASP A 133 10.80 7.47 19.39
N ASP A 134 10.43 8.49 18.61
CA ASP A 134 10.93 9.83 18.91
C ASP A 134 10.27 10.44 20.14
N THR A 135 8.98 10.13 20.38
CA THR A 135 8.23 10.82 21.43
C THR A 135 7.96 10.00 22.69
N ILE A 136 8.06 8.67 22.62
CA ILE A 136 7.88 7.82 23.80
C ILE A 136 9.19 7.15 24.20
N VAL A 137 9.85 6.46 23.26
CA VAL A 137 11.06 5.72 23.63
C VAL A 137 12.17 6.69 24.05
N ALA A 138 12.39 7.75 23.28
CA ALA A 138 13.52 8.63 23.54
C ALA A 138 13.46 9.31 24.91
N PRO A 139 12.35 9.90 25.34
CA PRO A 139 12.34 10.51 26.68
C PRO A 139 12.54 9.49 27.79
N LEU A 140 12.04 8.27 27.61
CA LEU A 140 12.28 7.21 28.59
C LEU A 140 13.74 6.80 28.60
N ALA A 141 14.38 6.77 27.42
CA ALA A 141 15.77 6.31 27.33
C ALA A 141 16.72 7.22 28.09
N ALA A 142 16.35 8.49 28.27
CA ALA A 142 17.14 9.40 29.09
C ALA A 142 17.24 8.97 30.54
N HIS A 143 16.36 8.06 30.99
CA HIS A 143 16.25 7.68 32.39
C HIS A 143 16.60 6.22 32.63
N VAL A 144 17.32 5.59 31.72
CA VAL A 144 17.76 4.22 31.91
C VAL A 144 19.25 4.13 31.60
N THR A 145 19.93 3.17 32.24
CA THR A 145 21.35 2.96 31.98
C THR A 145 21.59 2.31 30.61
N GLU A 146 22.86 2.38 30.16
CA GLU A 146 23.25 1.73 28.92
C GLU A 146 22.98 0.23 28.97
N ALA A 147 23.28 -0.42 30.10
CA ALA A 147 23.01 -1.85 30.23
C ALA A 147 21.53 -2.14 30.02
N ASP A 148 20.66 -1.32 30.62
CA ASP A 148 19.23 -1.54 30.47
C ASP A 148 18.77 -1.27 29.04
N ARG A 149 19.36 -0.27 28.37
CA ARG A 149 18.97 -0.02 27.00
C ARG A 149 19.26 -1.22 26.11
N ARG A 150 20.45 -1.81 26.26
CA ARG A 150 20.80 -2.96 25.46
C ARG A 150 19.93 -4.16 25.79
N ALA A 151 19.58 -4.34 27.07
CA ALA A 151 18.70 -5.45 27.44
C ALA A 151 17.31 -5.32 26.80
N ALA A 152 16.75 -4.10 26.79
CA ALA A 152 15.43 -3.89 26.20
C ALA A 152 15.35 -4.37 24.76
N GLU A 153 16.43 -4.25 24.01
CA GLU A 153 16.46 -4.66 22.61
C GLU A 153 16.49 -6.18 22.46
N GLU A 154 16.79 -6.92 23.53
CA GLU A 154 16.70 -8.38 23.55
C GLU A 154 15.25 -8.73 23.76
N LEU A 155 14.51 -8.87 22.68
CA LEU A 155 13.07 -9.00 22.79
C LEU A 155 12.71 -10.33 23.45
N PRO A 156 11.72 -10.34 24.34
CA PRO A 156 11.29 -11.59 24.97
C PRO A 156 10.56 -12.52 24.01
N ALA A 157 10.53 -13.80 24.39
CA ALA A 157 10.01 -14.84 23.49
C ALA A 157 8.61 -14.55 22.97
N PRO A 158 7.62 -14.14 23.77
CA PRO A 158 6.29 -13.90 23.17
C PRO A 158 6.30 -12.80 22.12
N VAL A 159 7.19 -11.81 22.28
CA VAL A 159 7.27 -10.73 21.29
C VAL A 159 7.90 -11.27 20.01
N ARG A 160 8.99 -12.05 20.14
CA ARG A 160 9.62 -12.65 18.96
C ARG A 160 8.66 -13.56 18.22
N GLU A 161 7.86 -14.35 18.94
CA GLU A 161 6.90 -15.25 18.29
C GLU A 161 5.88 -14.47 17.49
N LEU A 162 5.44 -13.32 18.02
CA LEU A 162 4.47 -12.52 17.28
C LEU A 162 5.11 -11.94 16.03
N LEU A 163 6.32 -11.39 16.16
CA LEU A 163 7.02 -10.89 14.98
C LEU A 163 7.16 -11.98 13.92
N ALA A 164 7.40 -13.23 14.35
CA ALA A 164 7.56 -14.32 13.39
C ALA A 164 6.24 -14.62 12.67
N ALA A 165 5.13 -14.54 13.40
CA ALA A 165 3.84 -14.76 12.76
C ALA A 165 3.55 -13.65 11.77
N MET A 166 3.95 -12.42 12.11
CA MET A 166 3.78 -11.31 11.18
C MET A 166 4.59 -11.55 9.90
N ASP A 167 5.84 -12.04 10.04
CA ASP A 167 6.61 -12.40 8.84
C ASP A 167 5.90 -13.46 8.01
N ARG A 168 5.30 -14.47 8.66
CA ARG A 168 4.63 -15.49 7.87
C ARG A 168 3.41 -14.91 7.14
N LEU A 169 2.69 -14.00 7.79
CA LEU A 169 1.50 -13.41 7.16
C LEU A 169 1.87 -12.41 6.06
N ALA A 170 3.12 -11.94 6.03
CA ALA A 170 3.57 -11.04 4.96
C ALA A 170 3.44 -11.67 3.58
N ALA A 171 3.49 -13.00 3.50
CA ALA A 171 3.40 -13.71 2.23
C ALA A 171 1.99 -14.14 1.89
N GLU A 172 1.07 -14.01 2.81
CA GLU A 172 -0.26 -14.62 2.67
C GLU A 172 -1.22 -13.64 2.03
N PRO A 173 -1.93 -14.02 0.96
CA PRO A 173 -2.93 -13.10 0.40
C PRO A 173 -4.04 -12.75 1.36
N LEU A 174 -4.30 -13.58 2.39
CA LEU A 174 -5.26 -13.16 3.41
C LEU A 174 -4.60 -12.40 4.56
N GLY A 175 -3.27 -12.22 4.51
CA GLY A 175 -2.54 -11.79 5.71
C GLY A 175 -2.91 -10.38 6.17
N SER A 176 -3.12 -9.45 5.23
CA SER A 176 -3.49 -8.11 5.66
C SER A 176 -4.86 -8.10 6.31
N ALA A 177 -5.79 -8.91 5.78
CA ALA A 177 -7.11 -9.01 6.39
C ALA A 177 -7.04 -9.62 7.78
N VAL A 178 -6.21 -10.64 7.97
CA VAL A 178 -6.05 -11.25 9.30
C VAL A 178 -5.50 -10.22 10.29
N GLN A 179 -4.44 -9.53 9.92
CA GLN A 179 -3.82 -8.62 10.89
C GLN A 179 -4.74 -7.46 11.23
N LEU A 180 -5.36 -6.83 10.21
CA LEU A 180 -6.26 -5.71 10.51
C LEU A 180 -7.50 -6.19 11.31
N ARG A 181 -8.05 -7.37 10.99
CA ARG A 181 -9.25 -7.80 11.72
C ARG A 181 -8.97 -7.90 13.21
N VAL A 182 -7.80 -8.40 13.58
CA VAL A 182 -7.47 -8.55 14.99
C VAL A 182 -7.02 -7.22 15.61
N VAL A 183 -6.12 -6.50 14.91
CA VAL A 183 -5.55 -5.30 15.54
C VAL A 183 -6.62 -4.22 15.72
N GLU A 184 -7.52 -4.09 14.75
CA GLU A 184 -8.57 -3.07 14.85
C GLU A 184 -9.47 -3.35 16.05
N THR A 185 -9.56 -4.62 16.46
CA THR A 185 -10.39 -4.95 17.62
C THR A 185 -9.74 -4.48 18.92
N ILE A 186 -8.41 -4.57 19.02
CA ILE A 186 -7.71 -4.34 20.28
C ILE A 186 -7.00 -2.99 20.35
N ALA A 187 -7.04 -2.20 19.27
CA ALA A 187 -6.23 -0.96 19.19
C ALA A 187 -6.60 0.04 20.29
N LEU A 188 -7.90 0.26 20.51
CA LEU A 188 -8.30 1.26 21.51
C LEU A 188 -7.81 0.89 22.90
N ASP A 189 -8.00 -0.38 23.29
CA ASP A 189 -7.61 -0.79 24.63
C ASP A 189 -6.09 -0.70 24.81
N ILE A 190 -5.32 -1.00 23.75
CA ILE A 190 -3.88 -0.86 23.83
C ILE A 190 -3.49 0.61 24.03
N ALA A 191 -4.10 1.50 23.25
CA ALA A 191 -3.74 2.91 23.34
C ALA A 191 -4.11 3.49 24.70
N VAL A 192 -5.31 3.16 25.20
CA VAL A 192 -5.71 3.59 26.54
C VAL A 192 -4.74 3.04 27.58
N GLY A 193 -4.34 1.78 27.42
CA GLY A 193 -3.33 1.20 28.30
C GLY A 193 -2.04 2.00 28.32
N PHE A 194 -1.53 2.37 27.14
CA PHE A 194 -0.31 3.19 27.10
C PHE A 194 -0.51 4.56 27.75
N ARG A 195 -1.68 5.19 27.55
CA ARG A 195 -1.93 6.48 28.20
C ARG A 195 -1.81 6.36 29.72
N ARG A 196 -2.37 5.29 30.27
CA ARG A 196 -2.29 5.05 31.71
C ARG A 196 -0.86 4.72 32.15
N VAL A 197 -0.18 3.82 31.42
CA VAL A 197 1.19 3.42 31.78
C VAL A 197 2.12 4.63 31.80
N TYR A 198 2.16 5.38 30.70
CA TYR A 198 3.16 6.43 30.61
C TYR A 198 2.77 7.65 31.44
N GLY A 199 1.48 7.75 31.82
CA GLY A 199 1.09 8.73 32.82
C GLY A 199 1.63 8.43 34.21
N LYS A 200 2.07 7.19 34.46
CA LYS A 200 2.52 6.79 35.78
C LYS A 200 4.02 6.55 35.85
N VAL A 201 4.78 6.90 34.82
CA VAL A 201 6.23 6.78 34.90
C VAL A 201 6.77 8.03 35.58
N LEU A 202 7.48 7.80 36.69
CA LEU A 202 8.13 8.92 37.39
C LEU A 202 9.64 8.66 37.46
N ALA A 203 10.44 9.71 37.32
CA ALA A 203 11.89 9.60 37.52
C ALA A 203 12.19 10.53 38.69
N GLY A 204 12.71 9.97 39.78
CA GLY A 204 12.82 10.80 40.99
C GLY A 204 11.41 10.95 41.51
N GLY A 205 10.88 12.16 41.51
CA GLY A 205 9.46 12.30 41.88
C GLY A 205 8.70 13.00 40.79
N GLU A 206 9.38 13.28 39.69
CA GLU A 206 8.78 14.04 38.57
C GLU A 206 8.30 13.12 37.46
N PRO A 207 7.19 13.48 36.80
CA PRO A 207 6.68 12.68 35.68
C PRO A 207 7.62 12.83 34.50
N VAL A 208 7.95 11.69 33.87
CA VAL A 208 8.72 11.76 32.64
C VAL A 208 7.89 12.39 31.53
N PHE A 209 6.58 12.21 31.56
CA PHE A 209 5.70 12.78 30.57
C PHE A 209 4.86 13.88 31.23
N GLY A 210 5.52 15.01 31.52
CA GLY A 210 4.90 16.10 32.24
C GLY A 210 4.13 17.12 31.43
N GLU A 211 4.19 17.07 30.10
CA GLU A 211 3.47 18.00 29.24
C GLU A 211 2.46 17.24 28.38
N LYS A 212 1.22 17.76 28.32
CA LYS A 212 0.16 17.14 27.51
C LYS A 212 0.61 16.74 26.11
N ASP A 213 1.36 17.62 25.43
CA ASP A 213 1.73 17.35 24.04
C ASP A 213 2.67 16.17 23.91
N GLN A 214 3.36 15.76 24.99
CA GLN A 214 4.17 14.55 24.92
C GLN A 214 3.34 13.30 24.66
N PHE A 215 2.03 13.34 24.93
CA PHE A 215 1.15 12.20 24.73
C PHE A 215 0.55 12.17 23.33
N ALA A 216 1.01 13.02 22.40
CA ALA A 216 0.26 13.23 21.16
C ALA A 216 0.04 11.93 20.40
N TRP A 217 1.07 11.06 20.34
CA TRP A 217 0.92 9.80 19.61
C TRP A 217 -0.22 8.98 20.21
N ILE A 218 -0.28 8.92 21.53
CA ILE A 218 -1.25 8.06 22.18
C ILE A 218 -2.65 8.67 22.08
N ASP A 219 -2.76 9.98 22.36
CA ASP A 219 -4.08 10.60 22.32
C ASP A 219 -4.67 10.57 20.91
N ALA A 220 -3.83 10.69 19.88
CA ALA A 220 -4.35 10.61 18.51
C ALA A 220 -4.91 9.23 18.22
N HIS A 221 -4.19 8.19 18.65
CA HIS A 221 -4.70 6.84 18.45
C HIS A 221 -5.99 6.62 19.22
N ILE A 222 -6.09 7.12 20.46
CA ILE A 222 -7.33 6.97 21.22
C ILE A 222 -8.49 7.67 20.50
N LYS A 223 -8.25 8.89 20.03
CA LYS A 223 -9.32 9.63 19.37
C LYS A 223 -9.75 8.94 18.08
N ALA A 224 -8.78 8.54 17.26
CA ALA A 224 -9.11 7.89 16.00
C ALA A 224 -9.90 6.60 16.23
N GLU A 225 -9.55 5.85 17.27
CA GLU A 225 -10.30 4.63 17.51
C GLU A 225 -11.64 4.92 18.16
N THR A 226 -11.74 6.03 18.88
CA THR A 226 -12.99 6.37 19.55
C THR A 226 -13.99 6.96 18.56
N VAL A 227 -13.65 8.12 17.98
CA VAL A 227 -14.52 8.85 17.04
C VAL A 227 -15.09 7.91 15.99
N HIS A 228 -14.34 6.89 15.60
CA HIS A 228 -14.78 5.94 14.57
C HIS A 228 -15.44 4.73 15.23
N GLY A 238 -16.06 -5.02 5.51
CA GLY A 238 -15.26 -5.64 6.55
C GLY A 238 -14.16 -6.51 5.99
N MET A 239 -13.26 -6.98 6.87
CA MET A 239 -12.09 -7.70 6.38
C MET A 239 -12.49 -9.08 5.87
N THR A 240 -13.59 -9.66 6.39
CA THR A 240 -14.12 -10.90 5.83
C THR A 240 -14.58 -10.72 4.38
N GLY A 241 -14.81 -9.47 3.96
CA GLY A 241 -15.15 -9.19 2.58
C GLY A 241 -14.08 -9.60 1.58
N LEU A 242 -12.87 -9.92 2.03
CA LEU A 242 -11.82 -10.36 1.11
C LEU A 242 -11.79 -11.87 0.96
N VAL A 243 -12.65 -12.59 1.66
CA VAL A 243 -12.68 -14.04 1.59
C VAL A 243 -13.59 -14.44 0.42
N THR A 244 -13.03 -15.19 -0.54
CA THR A 244 -13.70 -15.45 -1.81
C THR A 244 -14.25 -16.87 -1.97
N ASP A 245 -13.95 -17.80 -1.07
CA ASP A 245 -14.60 -19.11 -1.12
C ASP A 245 -14.54 -19.75 0.26
N ALA A 246 -15.21 -20.90 0.41
CA ALA A 246 -15.30 -21.53 1.72
C ALA A 246 -13.96 -22.05 2.21
N GLU A 247 -13.09 -22.46 1.30
CA GLU A 247 -11.78 -22.96 1.75
C GLU A 247 -10.93 -21.80 2.28
N ARG A 248 -11.03 -20.62 1.67
CA ARG A 248 -10.30 -19.47 2.19
C ARG A 248 -10.90 -19.00 3.51
N GLY A 249 -12.22 -19.16 3.67
CA GLY A 249 -12.87 -18.82 4.91
C GLY A 249 -12.36 -19.63 6.08
N GLU A 250 -12.13 -20.94 5.87
CA GLU A 250 -11.54 -21.77 6.92
C GLU A 250 -10.11 -21.35 7.23
N GLU A 251 -9.34 -21.03 6.19
CA GLU A 251 -7.97 -20.58 6.40
C GLU A 251 -7.94 -19.24 7.15
N PHE A 252 -8.86 -18.34 6.84
CA PHE A 252 -8.95 -17.08 7.55
C PHE A 252 -9.17 -17.31 9.05
N VAL A 253 -10.10 -18.19 9.39
CA VAL A 253 -10.41 -18.40 10.80
C VAL A 253 -9.23 -19.04 11.51
N ARG A 254 -8.56 -19.99 10.85
CA ARG A 254 -7.37 -20.61 11.45
C ARG A 254 -6.27 -19.59 11.70
N LEU A 255 -6.03 -18.71 10.72
CA LEU A 255 -4.96 -17.73 10.86
C LEU A 255 -5.31 -16.72 11.96
N VAL A 256 -6.59 -16.34 12.06
CA VAL A 256 -7.01 -15.42 13.12
C VAL A 256 -6.81 -16.06 14.48
N GLU A 257 -7.17 -17.34 14.61
CA GLU A 257 -6.93 -18.03 15.86
C GLU A 257 -5.46 -17.96 16.26
N GLU A 258 -4.56 -18.30 15.34
CA GLU A 258 -3.13 -18.25 15.64
C GLU A 258 -2.69 -16.84 16.02
N TYR A 259 -3.04 -15.88 15.19
CA TYR A 259 -2.52 -14.51 15.35
C TYR A 259 -3.07 -13.84 16.60
N ALA A 260 -4.36 -14.01 16.88
CA ALA A 260 -4.95 -13.47 18.10
C ALA A 260 -4.29 -14.08 19.33
N GLY A 261 -4.04 -15.38 19.31
CA GLY A 261 -3.35 -15.99 20.45
C GLY A 261 -1.99 -15.39 20.69
N LEU A 262 -1.24 -15.13 19.62
CA LEU A 262 0.09 -14.59 19.79
C LEU A 262 0.06 -13.14 20.22
N TRP A 263 -0.91 -12.36 19.71
CA TRP A 263 -1.09 -11.00 20.22
C TRP A 263 -1.40 -11.02 21.71
N SER A 264 -2.29 -11.93 22.14
CA SER A 264 -2.65 -11.96 23.55
C SER A 264 -1.44 -12.28 24.42
N ALA A 265 -0.62 -13.24 23.97
CA ALA A 265 0.56 -13.60 24.74
C ALA A 265 1.59 -12.46 24.80
N ALA A 266 1.75 -11.72 23.70
CA ALA A 266 2.67 -10.58 23.74
C ALA A 266 2.18 -9.51 24.71
N LEU A 267 0.88 -9.23 24.69
CA LEU A 267 0.33 -8.27 25.66
C LEU A 267 0.42 -8.81 27.10
N GLU A 268 0.25 -10.13 27.29
CA GLU A 268 0.46 -10.66 28.65
C GLU A 268 1.88 -10.43 29.11
N CYS A 269 2.82 -10.46 28.16
CA CYS A 269 4.23 -10.21 28.49
C CYS A 269 4.42 -8.76 28.95
N PHE A 270 3.75 -7.81 28.30
CA PHE A 270 3.74 -6.43 28.79
C PHE A 270 3.23 -6.36 30.24
N GLY A 271 2.09 -7.00 30.50
CA GLY A 271 1.52 -6.97 31.84
C GLY A 271 2.46 -7.54 32.88
N ASP A 272 3.15 -8.62 32.53
CA ASP A 272 4.15 -9.19 33.44
C ASP A 272 5.26 -8.21 33.74
N ARG A 273 5.73 -7.49 32.72
CA ARG A 273 6.83 -6.53 32.94
C ARG A 273 6.42 -5.43 33.90
N LEU A 274 5.16 -5.03 33.87
CA LEU A 274 4.64 -3.98 34.73
C LEU A 274 4.39 -4.44 36.17
N THR A 275 4.37 -5.77 36.41
CA THR A 275 4.05 -6.30 37.73
C THR A 275 5.19 -7.16 38.29
N GLY A 276 6.40 -7.01 37.78
CA GLY A 276 7.48 -7.89 38.17
C GLY A 276 8.03 -7.59 39.56
N ALA A 277 8.64 -8.62 40.17
CA ALA A 277 9.28 -8.45 41.48
C ALA A 277 10.61 -7.70 41.35
N PRO B 9 21.60 -1.06 9.12
CA PRO B 9 21.09 0.31 8.99
C PRO B 9 21.13 0.83 7.54
N LEU B 10 20.09 0.47 6.77
CA LEU B 10 20.07 0.72 5.34
C LEU B 10 20.01 2.22 5.04
N SER B 11 20.75 2.65 4.04
CA SER B 11 20.74 4.06 3.63
C SER B 11 20.77 4.13 2.11
N PRO B 12 20.28 5.23 1.53
CA PRO B 12 20.42 5.40 0.07
C PRO B 12 21.87 5.67 -0.31
N LEU B 13 22.14 5.48 -1.60
CA LEU B 13 23.43 5.88 -2.16
C LEU B 13 23.65 7.37 -1.96
N PRO B 14 24.90 7.83 -1.90
CA PRO B 14 25.17 9.26 -1.84
C PRO B 14 24.51 10.00 -3.00
N ALA B 15 24.20 11.28 -2.77
CA ALA B 15 23.38 12.04 -3.71
C ALA B 15 24.00 12.05 -5.10
N VAL B 16 25.31 12.34 -5.19
CA VAL B 16 25.95 12.45 -6.50
C VAL B 16 25.89 11.11 -7.24
N ALA B 17 25.95 9.99 -6.50
CA ALA B 17 25.78 8.70 -7.15
C ALA B 17 24.35 8.49 -7.64
N ARG B 18 23.36 9.01 -6.90
CA ARG B 18 21.97 8.90 -7.35
C ARG B 18 21.69 9.84 -8.52
N ALA B 19 22.32 11.01 -8.55
CA ALA B 19 22.18 11.88 -9.72
C ALA B 19 22.69 11.19 -10.98
N GLU B 20 23.76 10.42 -10.85
CA GLU B 20 24.28 9.68 -12.00
C GLU B 20 23.28 8.61 -12.45
N LEU B 21 22.66 7.91 -11.49
CA LEU B 21 21.64 6.93 -11.85
C LEU B 21 20.46 7.58 -12.56
N ASP B 22 20.07 8.78 -12.13
CA ASP B 22 18.99 9.50 -12.80
C ASP B 22 19.34 9.76 -14.26
N ALA B 23 20.56 10.27 -14.51
CA ALA B 23 20.97 10.55 -15.89
C ALA B 23 21.03 9.28 -16.73
N ARG B 24 21.57 8.20 -16.17
CA ARG B 24 21.63 6.95 -16.90
C ARG B 24 20.23 6.44 -17.26
N THR B 25 19.28 6.58 -16.32
CA THR B 25 17.93 6.10 -16.61
C THR B 25 17.23 7.02 -17.61
N GLU B 26 17.40 8.34 -17.48
CA GLU B 26 16.88 9.24 -18.51
C GLU B 26 17.46 8.92 -19.88
N ARG B 27 18.68 8.36 -19.93
CA ARG B 27 19.25 7.96 -21.21
C ARG B 27 18.62 6.68 -21.73
N GLU B 28 18.35 5.72 -20.85
CA GLU B 28 17.69 4.49 -21.27
C GLU B 28 16.30 4.76 -21.81
N ILE B 29 15.59 5.74 -21.24
CA ILE B 29 14.27 6.10 -21.74
C ILE B 29 14.39 6.73 -23.12
N ASP B 30 15.31 7.69 -23.28
CA ASP B 30 15.67 8.17 -24.61
C ASP B 30 15.93 7.00 -25.56
N ARG B 31 16.81 6.09 -25.12
CA ARG B 31 17.25 4.97 -25.95
C ARG B 31 16.11 4.01 -26.29
N ALA B 32 15.07 3.96 -25.46
CA ALA B 32 13.95 3.04 -25.67
C ALA B 32 12.89 3.61 -26.60
N ARG B 33 13.05 4.86 -27.05
CA ARG B 33 12.17 5.49 -28.02
C ARG B 33 10.79 5.78 -27.41
N LEU B 34 10.80 6.43 -26.25
CA LEU B 34 9.58 6.74 -25.49
C LEU B 34 9.26 8.23 -25.43
N ARG B 35 10.10 9.09 -26.01
CA ARG B 35 9.83 10.51 -25.90
C ARG B 35 8.70 10.90 -26.87
N ARG B 36 8.10 12.07 -26.60
CA ARG B 36 6.97 12.55 -27.38
C ARG B 36 7.23 12.50 -28.88
N ALA B 37 8.51 12.55 -29.28
CA ALA B 37 8.85 12.64 -30.69
C ALA B 37 9.22 11.30 -31.32
N ASP B 38 9.56 10.30 -30.50
CA ASP B 38 10.18 9.07 -31.02
C ASP B 38 9.22 7.89 -31.10
N ASN B 39 8.16 7.87 -30.30
CA ASN B 39 7.28 6.71 -30.23
C ASN B 39 6.09 6.87 -31.18
N GLY B 40 5.82 5.83 -31.96
CA GLY B 40 4.79 5.89 -32.98
C GLY B 40 3.39 6.12 -32.44
N PHE B 41 3.12 5.69 -31.21
CA PHE B 41 1.80 5.93 -30.65
C PHE B 41 1.51 7.43 -30.54
N PHE B 42 2.43 8.18 -29.93
CA PHE B 42 2.17 9.60 -29.75
C PHE B 42 2.00 10.31 -31.08
N ARG B 43 2.71 9.83 -32.09
CA ARG B 43 2.67 10.42 -33.43
C ARG B 43 1.34 10.12 -34.12
N SER B 44 0.94 8.84 -34.14
CA SER B 44 -0.32 8.46 -34.76
C SER B 44 -1.51 9.11 -34.06
N ALA B 45 -1.47 9.17 -32.72
CA ALA B 45 -2.53 9.85 -31.99
C ALA B 45 -2.74 11.27 -32.49
N ARG B 46 -1.66 11.92 -32.96
CA ARG B 46 -1.70 13.26 -33.49
C ARG B 46 -2.01 13.30 -34.99
N ASP B 47 -1.44 12.38 -35.76
CA ASP B 47 -1.53 12.43 -37.22
C ASP B 47 -2.89 11.95 -37.73
N VAL B 48 -3.39 10.81 -37.21
CA VAL B 48 -4.44 10.06 -37.89
C VAL B 48 -5.73 10.87 -37.96
N GLU B 49 -6.47 10.69 -39.05
CA GLU B 49 -7.66 11.48 -39.33
C GLU B 49 -8.83 11.04 -38.45
N SER B 50 -9.21 9.76 -38.53
CA SER B 50 -10.30 9.23 -37.74
C SER B 50 -9.97 7.83 -37.27
N VAL B 51 -10.71 7.38 -36.24
CA VAL B 51 -10.47 6.09 -35.60
C VAL B 51 -11.77 5.31 -35.61
N SER B 52 -11.70 4.05 -36.04
CA SER B 52 -12.88 3.21 -36.05
C SER B 52 -13.24 2.77 -34.62
N PRO B 53 -14.51 2.50 -34.34
CA PRO B 53 -14.87 2.03 -32.99
C PRO B 53 -14.13 0.76 -32.61
N ALA B 54 -13.98 -0.17 -33.55
CA ALA B 54 -13.31 -1.43 -33.25
C ALA B 54 -11.85 -1.21 -32.90
N ASP B 55 -11.16 -0.34 -33.65
CA ASP B 55 -9.76 -0.05 -33.34
C ASP B 55 -9.63 0.71 -32.03
N GLY B 56 -10.45 1.73 -31.82
CA GLY B 56 -10.42 2.45 -30.55
C GLY B 56 -10.77 1.55 -29.38
N HIS B 57 -11.75 0.66 -29.56
CA HIS B 57 -12.15 -0.24 -28.49
C HIS B 57 -11.04 -1.23 -28.16
N ALA B 58 -10.38 -1.78 -29.18
CA ALA B 58 -9.31 -2.75 -28.91
C ALA B 58 -8.20 -2.11 -28.09
N VAL B 59 -7.77 -0.91 -28.48
CA VAL B 59 -6.71 -0.24 -27.73
C VAL B 59 -7.18 0.08 -26.32
N ALA B 60 -8.47 0.41 -26.16
CA ALA B 60 -8.97 0.71 -24.83
C ALA B 60 -8.94 -0.53 -23.94
N VAL B 61 -9.26 -1.69 -24.51
CA VAL B 61 -9.20 -2.92 -23.72
C VAL B 61 -7.76 -3.23 -23.36
N TRP B 62 -6.84 -3.09 -24.32
CA TRP B 62 -5.43 -3.35 -24.03
C TRP B 62 -4.94 -2.44 -22.92
N TRP B 63 -5.29 -1.17 -22.98
CA TRP B 63 -4.86 -0.23 -21.95
C TRP B 63 -5.47 -0.58 -20.60
N ARG B 64 -6.76 -0.96 -20.59
CA ARG B 64 -7.38 -1.37 -19.33
C ARG B 64 -6.56 -2.44 -18.64
N GLN B 65 -6.14 -3.46 -19.40
CA GLN B 65 -5.41 -4.56 -18.80
C GLN B 65 -4.01 -4.16 -18.39
N MET B 66 -3.37 -3.29 -19.19
CA MET B 66 -2.02 -2.81 -18.88
C MET B 66 -2.01 -1.96 -17.62
N THR B 67 -2.98 -1.06 -17.49
CA THR B 67 -2.97 -0.18 -16.32
C THR B 67 -3.44 -0.92 -15.06
N LYS B 68 -4.35 -1.88 -15.20
CA LYS B 68 -4.67 -2.77 -14.08
C LYS B 68 -3.43 -3.47 -13.57
N ALA B 69 -2.67 -4.05 -14.49
CA ALA B 69 -1.49 -4.80 -14.08
C ALA B 69 -0.42 -3.87 -13.53
N PHE B 70 -0.26 -2.68 -14.12
CA PHE B 70 0.67 -1.70 -13.58
C PHE B 70 0.36 -1.37 -12.13
N MET B 71 -0.90 -1.05 -11.84
CA MET B 71 -1.28 -0.72 -10.46
C MET B 71 -0.99 -1.86 -9.50
N PHE B 72 -1.58 -3.03 -9.78
CA PHE B 72 -1.45 -4.15 -8.84
C PHE B 72 -0.01 -4.62 -8.71
N THR B 73 0.74 -4.72 -9.83
CA THR B 73 2.12 -5.21 -9.68
C THR B 73 3.03 -4.16 -9.06
N THR B 74 2.72 -2.88 -9.21
CA THR B 74 3.53 -1.89 -8.51
C THR B 74 3.26 -1.96 -7.00
N LEU B 75 1.98 -2.09 -6.62
CA LEU B 75 1.66 -2.32 -5.20
C LEU B 75 2.33 -3.59 -4.69
N ALA B 76 2.33 -4.67 -5.47
CA ALA B 76 3.01 -5.90 -5.03
C ALA B 76 4.49 -5.65 -4.84
N GLY B 77 5.11 -4.90 -5.76
CA GLY B 77 6.52 -4.56 -5.60
C GLY B 77 6.78 -3.76 -4.32
N LEU B 78 5.92 -2.79 -4.04
CA LEU B 78 6.07 -2.08 -2.77
C LEU B 78 5.96 -3.06 -1.60
N GLY B 79 5.06 -4.03 -1.70
CA GLY B 79 4.95 -5.02 -0.62
C GLY B 79 6.20 -5.87 -0.48
N ALA B 80 6.82 -6.23 -1.59
CA ALA B 80 8.09 -6.97 -1.54
C ALA B 80 9.14 -6.18 -0.77
N LEU B 81 9.24 -4.87 -1.03
CA LEU B 81 10.15 -4.01 -0.29
C LEU B 81 9.75 -3.92 1.18
N ALA B 82 8.44 -3.79 1.45
CA ALA B 82 7.97 -3.73 2.85
C ALA B 82 8.43 -4.96 3.62
N ARG B 83 8.38 -6.13 2.98
CA ARG B 83 8.79 -7.36 3.65
C ARG B 83 10.25 -7.27 4.08
N ASP B 84 11.08 -6.66 3.24
CA ASP B 84 12.49 -6.46 3.60
C ASP B 84 12.64 -5.45 4.72
N TYR B 85 11.92 -4.32 4.66
CA TYR B 85 12.09 -3.30 5.68
C TYR B 85 11.55 -3.78 7.02
N ALA B 86 10.71 -4.82 7.04
CA ALA B 86 10.30 -5.37 8.32
C ALA B 86 11.49 -6.01 9.05
N ARG B 87 12.50 -6.44 8.30
CA ARG B 87 13.63 -7.17 8.88
C ARG B 87 14.92 -6.36 8.90
N ARG B 88 14.89 -5.08 8.52
CA ARG B 88 16.06 -4.23 8.57
C ARG B 88 15.66 -2.88 9.15
N ASP B 89 16.63 -2.01 9.38
CA ASP B 89 16.33 -0.68 9.87
C ASP B 89 16.66 0.33 8.78
N ALA B 90 15.68 0.61 7.94
CA ALA B 90 15.81 1.64 6.93
C ALA B 90 15.92 3.02 7.57
N ASP B 91 16.83 3.85 7.05
CA ASP B 91 16.95 5.17 7.64
C ASP B 91 15.84 6.08 7.13
N ARG B 92 15.77 7.29 7.69
CA ARG B 92 14.60 8.13 7.41
C ARG B 92 14.57 8.61 5.97
N GLU B 93 15.73 8.79 5.33
CA GLU B 93 15.72 9.17 3.92
C GLU B 93 15.14 8.04 3.06
N LEU B 94 15.45 6.79 3.38
CA LEU B 94 14.81 5.67 2.67
C LEU B 94 13.32 5.63 2.95
N LEU B 95 12.94 5.86 4.20
CA LEU B 95 11.52 5.81 4.57
C LEU B 95 10.72 6.88 3.82
N GLY B 96 11.32 8.06 3.64
CA GLY B 96 10.65 9.09 2.86
C GLY B 96 10.37 8.66 1.43
N ALA B 97 11.35 8.03 0.77
CA ALA B 97 11.13 7.53 -0.58
C ALA B 97 10.08 6.42 -0.60
N PHE B 98 10.09 5.56 0.42
CA PHE B 98 9.06 4.52 0.53
C PHE B 98 7.67 5.15 0.62
N GLN B 99 7.53 6.21 1.43
CA GLN B 99 6.25 6.91 1.53
C GLN B 99 5.81 7.45 0.18
N THR B 100 6.75 8.00 -0.60
CA THR B 100 6.40 8.53 -1.92
C THR B 100 5.74 7.46 -2.78
N VAL B 101 6.32 6.26 -2.83
CA VAL B 101 5.73 5.19 -3.61
C VAL B 101 4.30 4.92 -3.15
N TYR B 102 4.09 4.81 -1.84
CA TYR B 102 2.74 4.57 -1.32
C TYR B 102 1.78 5.65 -1.78
N GLN B 103 2.23 6.91 -1.72
CA GLN B 103 1.39 8.05 -2.09
C GLN B 103 1.05 8.03 -3.58
N VAL B 104 2.05 7.74 -4.42
CA VAL B 104 1.85 7.76 -5.87
C VAL B 104 0.88 6.66 -6.30
N ILE B 105 1.07 5.43 -5.79
CA ILE B 105 0.08 4.37 -6.03
C ILE B 105 -1.32 4.77 -5.62
N GLY B 106 -1.45 5.63 -4.61
CA GLY B 106 -2.76 6.04 -4.15
C GLY B 106 -3.56 6.86 -5.13
N ASP B 107 -2.89 7.44 -6.13
CA ASP B 107 -3.64 8.08 -7.20
C ASP B 107 -4.46 7.04 -7.94
N ASP B 108 -3.85 5.94 -8.34
CA ASP B 108 -4.53 4.95 -9.16
C ASP B 108 -5.52 4.12 -8.36
N LEU B 109 -5.21 3.85 -7.09
CA LEU B 109 -6.07 2.99 -6.29
C LEU B 109 -7.15 3.77 -5.55
N ASP B 110 -6.90 5.03 -5.20
CA ASP B 110 -7.83 5.73 -4.34
C ASP B 110 -7.98 7.22 -4.67
N ASN B 111 -7.47 7.68 -5.81
CA ASN B 111 -7.65 9.06 -6.25
C ASN B 111 -7.20 10.07 -5.19
N ALA B 112 -5.97 9.87 -4.70
CA ALA B 112 -5.47 10.68 -3.60
C ALA B 112 -5.42 12.16 -3.97
N ALA B 113 -4.65 12.47 -5.01
CA ALA B 113 -4.46 13.87 -5.43
C ALA B 113 -5.79 14.59 -5.69
N PRO B 114 -5.93 15.87 -5.28
CA PRO B 114 -7.17 16.63 -5.49
C PRO B 114 -7.64 16.68 -6.96
N GLU B 115 -6.72 16.62 -7.91
CA GLU B 115 -7.13 16.56 -9.31
C GLU B 115 -8.05 15.39 -9.58
N PHE B 116 -7.96 14.33 -8.77
CA PHE B 116 -8.74 13.12 -8.96
C PHE B 116 -9.96 13.06 -8.04
N SER B 117 -9.77 13.32 -6.74
CA SER B 117 -10.86 13.18 -5.78
C SER B 117 -12.05 14.07 -6.12
N ALA B 118 -11.85 15.15 -6.85
CA ALA B 118 -12.96 16.06 -7.15
C ALA B 118 -13.89 15.48 -8.19
N VAL B 119 -13.37 14.62 -9.07
CA VAL B 119 -14.08 14.25 -10.29
C VAL B 119 -14.28 12.74 -10.39
N ALA B 120 -13.40 11.97 -9.74
CA ALA B 120 -13.45 10.53 -9.92
C ALA B 120 -14.68 9.94 -9.23
N PRO B 121 -15.26 8.88 -9.78
CA PRO B 121 -16.25 8.12 -9.02
C PRO B 121 -15.63 7.73 -7.68
N THR B 122 -16.46 7.70 -6.65
CA THR B 122 -15.89 7.31 -5.37
C THR B 122 -15.86 5.79 -5.23
N GLY B 123 -15.12 5.32 -4.25
CA GLY B 123 -15.01 3.89 -4.01
C GLY B 123 -14.38 3.17 -5.18
N PRO B 124 -14.67 1.87 -5.30
CA PRO B 124 -13.98 1.05 -6.32
C PRO B 124 -14.21 1.52 -7.74
N ALA B 125 -15.35 2.15 -8.00
CA ALA B 125 -15.64 2.69 -9.33
C ALA B 125 -14.59 3.71 -9.76
N GLY B 126 -13.85 4.30 -8.81
CA GLY B 126 -12.85 5.28 -9.14
C GLY B 126 -11.46 4.73 -9.37
N ILE B 127 -11.23 3.45 -9.07
CA ILE B 127 -9.93 2.85 -9.37
C ILE B 127 -9.66 3.03 -10.85
N HIS B 128 -8.44 3.45 -11.19
CA HIS B 128 -8.26 4.02 -12.52
C HIS B 128 -8.51 3.03 -13.67
N TYR B 129 -8.18 1.74 -13.51
CA TYR B 129 -8.54 0.84 -14.61
C TYR B 129 -10.06 0.64 -14.69
N VAL B 130 -10.76 0.73 -13.56
CA VAL B 130 -12.22 0.56 -13.56
C VAL B 130 -12.88 1.80 -14.15
N TRP B 131 -12.43 2.97 -13.72
CA TRP B 131 -12.94 4.24 -14.24
C TRP B 131 -12.74 4.33 -15.75
N TRP B 132 -11.59 3.86 -16.24
CA TRP B 132 -11.33 3.77 -17.68
C TRP B 132 -12.30 2.81 -18.36
N ASP B 133 -12.49 1.62 -17.77
CA ASP B 133 -13.42 0.63 -18.30
C ASP B 133 -14.82 1.22 -18.43
N ASP B 134 -15.28 1.91 -17.38
CA ASP B 134 -16.65 2.41 -17.35
C ASP B 134 -16.85 3.56 -18.33
N THR B 135 -15.84 4.42 -18.51
CA THR B 135 -16.08 5.65 -19.25
C THR B 135 -15.50 5.67 -20.65
N ILE B 136 -14.57 4.77 -20.98
CA ILE B 136 -14.01 4.68 -22.32
C ILE B 136 -14.33 3.35 -22.99
N VAL B 137 -14.02 2.23 -22.33
CA VAL B 137 -14.28 0.94 -22.94
C VAL B 137 -15.78 0.76 -23.18
N ALA B 138 -16.59 0.96 -22.14
CA ALA B 138 -18.02 0.65 -22.22
C ALA B 138 -18.74 1.41 -23.34
N PRO B 139 -18.60 2.72 -23.50
CA PRO B 139 -19.31 3.40 -24.60
C PRO B 139 -18.86 2.92 -25.97
N LEU B 140 -17.60 2.53 -26.11
CA LEU B 140 -17.11 1.97 -27.37
C LEU B 140 -17.66 0.56 -27.61
N ALA B 141 -17.89 -0.20 -26.54
CA ALA B 141 -18.31 -1.58 -26.69
C ALA B 141 -19.71 -1.67 -27.31
N ALA B 142 -20.54 -0.66 -27.07
CA ALA B 142 -21.86 -0.60 -27.71
C ALA B 142 -21.77 -0.54 -29.23
N HIS B 143 -20.65 -0.09 -29.77
CA HIS B 143 -20.50 0.03 -31.22
C HIS B 143 -19.75 -1.12 -31.83
N VAL B 144 -19.44 -2.16 -31.06
CA VAL B 144 -18.70 -3.31 -31.57
C VAL B 144 -19.49 -4.57 -31.24
N THR B 145 -19.13 -5.67 -31.89
CA THR B 145 -19.85 -6.92 -31.67
C THR B 145 -19.24 -7.70 -30.52
N GLU B 146 -19.99 -8.67 -30.01
CA GLU B 146 -19.46 -9.53 -28.96
C GLU B 146 -18.21 -10.27 -29.44
N ALA B 147 -18.23 -10.75 -30.69
CA ALA B 147 -17.05 -11.39 -31.25
C ALA B 147 -15.84 -10.45 -31.24
N ASP B 148 -16.05 -9.18 -31.59
CA ASP B 148 -14.98 -8.19 -31.52
C ASP B 148 -14.48 -8.03 -30.10
N ARG B 149 -15.40 -7.92 -29.15
CA ARG B 149 -15.05 -7.74 -27.74
C ARG B 149 -14.16 -8.89 -27.27
N ARG B 150 -14.53 -10.12 -27.60
CA ARG B 150 -13.72 -11.28 -27.21
C ARG B 150 -12.36 -11.26 -27.91
N ALA B 151 -12.31 -10.80 -29.16
CA ALA B 151 -11.02 -10.74 -29.85
C ALA B 151 -10.09 -9.72 -29.18
N ALA B 152 -10.64 -8.59 -28.74
CA ALA B 152 -9.81 -7.54 -28.15
C ALA B 152 -9.15 -8.02 -26.86
N GLU B 153 -9.79 -8.94 -26.16
CA GLU B 153 -9.30 -9.43 -24.89
C GLU B 153 -8.21 -10.47 -25.04
N GLU B 154 -8.01 -10.99 -26.25
CA GLU B 154 -6.85 -11.82 -26.57
C GLU B 154 -5.71 -10.87 -26.90
N LEU B 155 -4.86 -10.61 -25.94
CA LEU B 155 -3.98 -9.47 -26.06
C LEU B 155 -2.85 -9.76 -27.03
N PRO B 156 -2.36 -8.74 -27.74
CA PRO B 156 -1.24 -8.96 -28.65
C PRO B 156 0.05 -9.25 -27.91
N ALA B 157 0.97 -9.91 -28.62
CA ALA B 157 2.21 -10.36 -28.02
C ALA B 157 3.03 -9.26 -27.34
N PRO B 158 3.19 -8.05 -27.89
CA PRO B 158 3.94 -7.03 -27.13
C PRO B 158 3.26 -6.61 -25.83
N VAL B 159 1.92 -6.59 -25.81
CA VAL B 159 1.22 -6.29 -24.57
C VAL B 159 1.41 -7.43 -23.58
N ARG B 160 1.32 -8.68 -24.06
CA ARG B 160 1.50 -9.83 -23.19
C ARG B 160 2.90 -9.83 -22.58
N GLU B 161 3.92 -9.47 -23.36
CA GLU B 161 5.28 -9.49 -22.84
C GLU B 161 5.46 -8.43 -21.75
N LEU B 162 4.86 -7.26 -21.91
CA LEU B 162 4.93 -6.24 -20.87
C LEU B 162 4.25 -6.72 -19.59
N LEU B 163 3.09 -7.36 -19.71
CA LEU B 163 2.39 -7.86 -18.53
C LEU B 163 3.22 -8.92 -17.82
N ALA B 164 3.91 -9.76 -18.59
CA ALA B 164 4.76 -10.78 -17.99
C ALA B 164 5.89 -10.15 -17.19
N ALA B 165 6.47 -9.07 -17.71
CA ALA B 165 7.52 -8.35 -16.99
C ALA B 165 6.96 -7.69 -15.73
N MET B 166 5.74 -7.16 -15.79
CA MET B 166 5.14 -6.62 -14.57
C MET B 166 4.97 -7.71 -13.52
N ASP B 167 4.56 -8.91 -13.91
CA ASP B 167 4.47 -10.00 -12.92
C ASP B 167 5.81 -10.31 -12.28
N ARG B 168 6.89 -10.30 -13.06
CA ARG B 168 8.20 -10.54 -12.46
C ARG B 168 8.57 -9.43 -11.48
N LEU B 169 8.35 -8.16 -11.85
CA LEU B 169 8.69 -7.05 -10.97
C LEU B 169 7.81 -6.99 -9.73
N ALA B 170 6.66 -7.68 -9.74
CA ALA B 170 5.81 -7.75 -8.55
C ALA B 170 6.53 -8.37 -7.36
N ALA B 171 7.59 -9.14 -7.59
CA ALA B 171 8.32 -9.82 -6.54
C ALA B 171 9.66 -9.19 -6.23
N GLU B 172 10.02 -8.14 -6.93
CA GLU B 172 11.31 -7.46 -6.80
C GLU B 172 11.21 -6.28 -5.86
N PRO B 173 12.05 -6.23 -4.83
CA PRO B 173 12.07 -5.04 -3.94
C PRO B 173 12.35 -3.74 -4.67
N LEU B 174 13.04 -3.77 -5.81
CA LEU B 174 13.21 -2.59 -6.62
C LEU B 174 12.06 -2.37 -7.59
N GLY B 175 11.13 -3.32 -7.67
CA GLY B 175 10.15 -3.30 -8.74
C GLY B 175 9.30 -2.04 -8.80
N SER B 176 8.83 -1.55 -7.65
CA SER B 176 7.94 -0.39 -7.71
C SER B 176 8.70 0.85 -8.15
N ALA B 177 9.97 0.96 -7.76
CA ALA B 177 10.75 2.11 -8.19
C ALA B 177 10.99 2.05 -9.70
N VAL B 178 11.27 0.87 -10.23
CA VAL B 178 11.46 0.70 -11.67
C VAL B 178 10.20 1.10 -12.42
N GLN B 179 9.05 0.60 -11.99
CA GLN B 179 7.83 0.86 -12.75
C GLN B 179 7.45 2.34 -12.68
N LEU B 180 7.48 2.93 -11.48
CA LEU B 180 7.07 4.34 -11.36
C LEU B 180 8.05 5.25 -12.08
N ARG B 181 9.34 4.93 -12.06
CA ARG B 181 10.32 5.80 -12.74
C ARG B 181 10.03 5.87 -14.23
N VAL B 182 9.74 4.73 -14.85
CA VAL B 182 9.44 4.73 -16.28
C VAL B 182 8.07 5.36 -16.55
N VAL B 183 7.03 4.88 -15.85
CA VAL B 183 5.67 5.31 -16.19
C VAL B 183 5.47 6.80 -15.94
N GLU B 184 6.03 7.35 -14.86
CA GLU B 184 5.77 8.76 -14.56
C GLU B 184 6.36 9.65 -15.65
N THR B 185 7.37 9.16 -16.36
CA THR B 185 7.97 9.93 -17.45
C THR B 185 7.00 10.02 -18.63
N ILE B 186 6.45 8.88 -19.05
CA ILE B 186 5.62 8.83 -20.26
C ILE B 186 4.14 9.07 -20.02
N ALA B 187 3.71 9.18 -18.76
CA ALA B 187 2.28 9.23 -18.45
C ALA B 187 1.57 10.38 -19.17
N LEU B 188 2.17 11.59 -19.14
CA LEU B 188 1.46 12.74 -19.69
C LEU B 188 1.31 12.63 -21.21
N ASP B 189 2.33 12.13 -21.91
CA ASP B 189 2.21 11.97 -23.35
C ASP B 189 1.16 10.93 -23.71
N ILE B 190 1.10 9.84 -22.93
CA ILE B 190 0.04 8.85 -23.13
C ILE B 190 -1.33 9.50 -22.94
N ALA B 191 -1.51 10.22 -21.84
CA ALA B 191 -2.80 10.86 -21.57
C ALA B 191 -3.18 11.80 -22.71
N VAL B 192 -2.23 12.60 -23.21
CA VAL B 192 -2.53 13.52 -24.31
C VAL B 192 -2.87 12.74 -25.58
N GLY B 193 -2.16 11.64 -25.82
CA GLY B 193 -2.49 10.81 -26.97
C GLY B 193 -3.91 10.26 -26.90
N PHE B 194 -4.34 9.81 -25.72
CA PHE B 194 -5.71 9.31 -25.57
C PHE B 194 -6.75 10.40 -25.79
N ARG B 195 -6.46 11.62 -25.29
CA ARG B 195 -7.39 12.72 -25.47
C ARG B 195 -7.65 12.95 -26.96
N ARG B 196 -6.62 12.72 -27.78
CA ARG B 196 -6.70 13.00 -29.21
C ARG B 196 -7.42 11.86 -29.93
N VAL B 197 -7.02 10.62 -29.65
CA VAL B 197 -7.57 9.45 -30.34
C VAL B 197 -9.08 9.38 -30.13
N TYR B 198 -9.52 9.46 -28.88
CA TYR B 198 -10.93 9.23 -28.59
C TYR B 198 -11.80 10.45 -28.90
N GLY B 199 -11.19 11.61 -29.15
CA GLY B 199 -11.94 12.66 -29.82
C GLY B 199 -12.19 12.35 -31.28
N LYS B 200 -11.44 11.41 -31.85
CA LYS B 200 -11.47 11.10 -33.27
C LYS B 200 -12.09 9.74 -33.58
N VAL B 201 -12.75 9.11 -32.62
CA VAL B 201 -13.51 7.89 -32.88
C VAL B 201 -14.92 8.28 -33.29
N LEU B 202 -15.35 7.82 -34.46
CA LEU B 202 -16.67 8.17 -34.99
C LEU B 202 -17.44 6.92 -35.39
N ALA B 203 -18.74 6.94 -35.13
CA ALA B 203 -19.60 5.79 -35.38
C ALA B 203 -20.56 5.97 -36.55
N GLY B 204 -21.60 6.79 -36.41
CA GLY B 204 -22.47 7.08 -37.54
C GLY B 204 -21.90 8.33 -38.18
N GLY B 205 -20.62 8.29 -38.52
CA GLY B 205 -19.87 9.47 -38.91
C GLY B 205 -19.69 10.46 -37.77
N GLU B 206 -20.36 10.19 -36.63
CA GLU B 206 -20.51 11.12 -35.53
C GLU B 206 -19.64 10.70 -34.35
N PRO B 207 -19.07 11.64 -33.61
CA PRO B 207 -18.13 11.29 -32.53
C PRO B 207 -18.81 10.47 -31.43
N VAL B 208 -18.15 9.38 -31.03
CA VAL B 208 -18.62 8.63 -29.88
C VAL B 208 -18.50 9.47 -28.63
N PHE B 209 -17.40 10.21 -28.48
CA PHE B 209 -17.12 11.01 -27.31
C PHE B 209 -17.27 12.49 -27.70
N GLY B 210 -18.41 13.07 -27.37
CA GLY B 210 -18.75 14.41 -27.84
C GLY B 210 -19.09 15.44 -26.78
N GLU B 211 -19.06 15.04 -25.51
CA GLU B 211 -19.24 15.97 -24.39
C GLU B 211 -17.92 16.15 -23.65
N LYS B 212 -17.87 17.17 -22.78
CA LYS B 212 -16.67 17.42 -22.01
C LYS B 212 -16.40 16.28 -21.03
N ASP B 213 -17.37 15.99 -20.16
CA ASP B 213 -17.12 15.09 -19.04
C ASP B 213 -17.07 13.62 -19.43
N GLN B 214 -17.18 13.29 -20.72
CA GLN B 214 -16.81 11.94 -21.17
C GLN B 214 -15.30 11.75 -21.24
N PHE B 215 -14.53 12.84 -21.13
CA PHE B 215 -13.07 12.77 -21.07
C PHE B 215 -12.54 12.97 -19.66
N ALA B 216 -13.40 12.83 -18.64
CA ALA B 216 -13.00 13.11 -17.26
C ALA B 216 -11.73 12.36 -16.88
N TRP B 217 -11.71 11.05 -17.15
CA TRP B 217 -10.55 10.22 -16.82
C TRP B 217 -9.29 10.78 -17.47
N ILE B 218 -9.37 11.15 -18.75
CA ILE B 218 -8.18 11.57 -19.48
C ILE B 218 -7.74 12.96 -19.04
N ASP B 219 -8.68 13.88 -18.86
CA ASP B 219 -8.33 15.25 -18.51
C ASP B 219 -7.82 15.35 -17.09
N ALA B 220 -8.39 14.57 -16.18
CA ALA B 220 -7.87 14.52 -14.81
C ALA B 220 -6.41 14.10 -14.81
N HIS B 221 -6.03 13.18 -15.70
CA HIS B 221 -4.65 12.72 -15.76
C HIS B 221 -3.73 13.77 -16.35
N ILE B 222 -4.17 14.43 -17.42
CA ILE B 222 -3.33 15.47 -18.03
C ILE B 222 -3.04 16.57 -17.03
N LYS B 223 -4.07 17.00 -16.29
CA LYS B 223 -3.87 17.92 -15.18
C LYS B 223 -2.81 17.40 -14.20
N ALA B 224 -3.06 16.21 -13.63
CA ALA B 224 -2.21 15.69 -12.57
C ALA B 224 -0.75 15.60 -12.96
N GLU B 225 -0.45 15.41 -14.25
CA GLU B 225 0.94 15.20 -14.66
C GLU B 225 1.33 16.15 -15.79
N GLY B 238 12.63 10.95 -4.82
CA GLY B 238 13.00 10.34 -6.08
C GLY B 238 13.08 8.82 -6.03
N MET B 239 12.75 8.16 -7.15
CA MET B 239 12.72 6.69 -7.16
C MET B 239 14.10 6.10 -6.95
N THR B 240 15.16 6.76 -7.44
CA THR B 240 16.51 6.29 -7.12
C THR B 240 16.82 6.41 -5.63
N GLY B 241 16.01 7.18 -4.89
CA GLY B 241 16.13 7.25 -3.45
C GLY B 241 16.00 5.92 -2.74
N LEU B 242 15.55 4.86 -3.43
CA LEU B 242 15.39 3.54 -2.83
C LEU B 242 16.54 2.60 -3.13
N VAL B 243 17.53 3.06 -3.89
CA VAL B 243 18.71 2.25 -4.19
C VAL B 243 19.71 2.38 -3.04
N THR B 244 20.10 1.24 -2.46
CA THR B 244 20.88 1.27 -1.22
C THR B 244 22.36 0.92 -1.40
N ASP B 245 22.75 0.32 -2.52
CA ASP B 245 24.17 0.08 -2.79
C ASP B 245 24.41 0.11 -4.29
N ALA B 246 25.69 0.15 -4.67
CA ALA B 246 26.04 0.30 -6.07
C ALA B 246 25.58 -0.90 -6.90
N GLU B 247 25.56 -2.09 -6.30
CA GLU B 247 25.08 -3.28 -6.99
C GLU B 247 23.60 -3.15 -7.33
N ARG B 248 22.78 -2.84 -6.32
CA ARG B 248 21.37 -2.60 -6.56
C ARG B 248 21.16 -1.48 -7.57
N GLY B 249 22.05 -0.47 -7.57
CA GLY B 249 22.02 0.53 -8.62
C GLY B 249 22.15 -0.08 -10.01
N GLU B 250 23.09 -1.01 -10.18
CA GLU B 250 23.26 -1.66 -11.47
C GLU B 250 22.03 -2.48 -11.84
N GLU B 251 21.46 -3.18 -10.86
CA GLU B 251 20.22 -3.93 -11.08
C GLU B 251 19.08 -3.00 -11.47
N PHE B 252 19.00 -1.82 -10.85
CA PHE B 252 17.98 -0.84 -11.17
C PHE B 252 18.04 -0.43 -12.64
N VAL B 253 19.24 -0.12 -13.14
CA VAL B 253 19.37 0.31 -14.53
C VAL B 253 19.09 -0.85 -15.48
N ARG B 254 19.52 -2.06 -15.11
CA ARG B 254 19.24 -3.22 -15.94
C ARG B 254 17.74 -3.45 -16.05
N LEU B 255 17.03 -3.32 -14.93
CA LEU B 255 15.58 -3.53 -14.95
C LEU B 255 14.87 -2.42 -15.72
N VAL B 256 15.31 -1.18 -15.55
CA VAL B 256 14.71 -0.08 -16.30
C VAL B 256 14.87 -0.30 -17.79
N GLU B 257 16.03 -0.80 -18.21
CA GLU B 257 16.28 -1.05 -19.63
C GLU B 257 15.30 -2.08 -20.19
N GLU B 258 15.17 -3.23 -19.53
CA GLU B 258 14.19 -4.23 -19.93
C GLU B 258 12.77 -3.65 -19.98
N TYR B 259 12.36 -2.99 -18.89
CA TYR B 259 10.98 -2.54 -18.76
C TYR B 259 10.67 -1.39 -19.72
N ALA B 260 11.61 -0.47 -19.92
CA ALA B 260 11.37 0.63 -20.83
C ALA B 260 11.25 0.14 -22.27
N GLY B 261 12.00 -0.91 -22.62
CA GLY B 261 11.88 -1.47 -23.96
C GLY B 261 10.54 -2.15 -24.17
N LEU B 262 10.07 -2.89 -23.16
CA LEU B 262 8.79 -3.57 -23.28
C LEU B 262 7.63 -2.58 -23.35
N TRP B 263 7.69 -1.50 -22.57
CA TRP B 263 6.68 -0.45 -22.69
C TRP B 263 6.68 0.17 -24.08
N SER B 264 7.86 0.38 -24.67
CA SER B 264 7.91 0.99 -26.00
C SER B 264 7.28 0.07 -27.05
N ALA B 265 7.62 -1.21 -27.02
CA ALA B 265 7.04 -2.16 -27.96
C ALA B 265 5.52 -2.22 -27.83
N ALA B 266 5.00 -2.06 -26.62
CA ALA B 266 3.55 -2.13 -26.42
C ALA B 266 2.86 -0.89 -26.95
N LEU B 267 3.50 0.27 -26.79
CA LEU B 267 2.91 1.52 -27.28
C LEU B 267 2.98 1.62 -28.80
N GLU B 268 4.01 1.03 -29.41
CA GLU B 268 4.04 0.98 -30.87
C GLU B 268 2.90 0.11 -31.39
N CYS B 269 2.56 -0.93 -30.63
CA CYS B 269 1.40 -1.76 -30.97
C CYS B 269 0.12 -0.94 -30.98
N PHE B 270 -0.03 -0.01 -30.03
CA PHE B 270 -1.15 0.96 -30.08
C PHE B 270 -1.13 1.74 -31.39
N GLY B 271 0.02 2.34 -31.72
CA GLY B 271 0.10 3.12 -32.96
C GLY B 271 -0.27 2.32 -34.18
N ASP B 272 0.29 1.11 -34.31
CA ASP B 272 0.00 0.27 -35.47
C ASP B 272 -1.50 0.01 -35.61
N ARG B 273 -2.18 -0.29 -34.49
CA ARG B 273 -3.60 -0.60 -34.58
C ARG B 273 -4.44 0.63 -34.92
N LEU B 274 -3.97 1.82 -34.57
CA LEU B 274 -4.76 3.02 -34.81
C LEU B 274 -4.70 3.48 -36.27
N THR B 275 -3.76 2.99 -37.06
CA THR B 275 -3.65 3.37 -38.46
C THR B 275 -4.63 2.58 -39.31
FE FE2 C . -0.95 3.62 14.23
N ILE D . -1.95 1.78 15.07
CA ILE D . -1.18 1.47 16.32
C ILE D . 0.30 1.83 16.15
O ILE D . 1.11 1.26 16.91
CB ILE D . -1.35 -0.01 16.68
CG1 ILE D . -0.85 -0.92 15.55
CG2 ILE D . -2.81 -0.30 17.08
CD1 ILE D . -0.46 -2.31 15.98
OXT ILE D . 0.62 2.71 15.29
FE FE2 E . -3.77 6.73 -13.08
N ILE F . -1.94 6.52 -14.29
CA ILE F . -2.34 6.14 -15.67
C ILE F . -3.53 5.16 -15.61
O ILE F . -4.26 5.20 -14.60
CB ILE F . -1.16 5.51 -16.44
CG1 ILE F . -0.57 4.31 -15.69
CG2 ILE F . -0.10 6.55 -16.80
CD1 ILE F . 0.21 3.35 -16.57
OXT ILE F . -3.68 4.41 -16.59
#